data_3QBM
#
_entry.id   3QBM
#
_cell.length_a   43.335
_cell.length_b   106.449
_cell.length_c   45.577
_cell.angle_alpha   90.000
_cell.angle_beta   110.940
_cell.angle_gamma   90.000
#
_symmetry.space_group_name_H-M   'P 1 21 1'
#
loop_
_entity.id
_entity.type
_entity.pdbx_description
1 polymer 'TetR transcriptional regulator'
2 non-polymer 'MAGNESIUM ION'
3 non-polymer DI(HYDROXYETHYL)ETHER
4 non-polymer 'TRIETHYLENE GLYCOL'
5 water water
#
_entity_poly.entity_id   1
_entity_poly.type   'polypeptide(L)'
_entity_poly.pdbx_seq_one_letter_code
;G(MSE)RKGQETRERVVAQAAALFNVSGYAGTAISDI(MSE)AATGLEKGGIYRHFESKEQLALAAFDYAAEKVRERFAV
GLAGHKHTVDTIIAFLDVFRSYAERPPLVGGCPILNTAIESDDTNP(MSE)LRERVRAVIDEWRETIRTLVQTGIARGEI
RPEVDADRLALLIIAT(MSE)EGAV(MSE)LARILETATPLEHAYTHLATYITQQVRLA
;
_entity_poly.pdbx_strand_id   A,B
#
# COMPACT_ATOMS: atom_id res chain seq x y z
N GLY A 1 -2.04 -7.51 41.49
CA GLY A 1 -2.59 -6.16 41.80
C GLY A 1 -2.93 -5.40 40.53
N ARG A 3 -1.26 -3.08 39.27
CA ARG A 3 0.00 -2.94 38.55
C ARG A 3 0.18 -4.19 37.70
N LYS A 4 0.00 -5.37 38.30
CA LYS A 4 0.09 -6.63 37.55
C LYS A 4 -0.92 -6.67 36.38
N GLY A 5 -2.15 -6.16 36.61
CA GLY A 5 -3.16 -6.07 35.55
C GLY A 5 -2.78 -5.14 34.40
N GLN A 6 -2.22 -3.98 34.73
CA GLN A 6 -1.71 -3.05 33.72
C GLN A 6 -0.62 -3.73 32.87
N GLU A 7 0.26 -4.51 33.50
CA GLU A 7 1.33 -5.22 32.79
C GLU A 7 0.78 -6.33 31.91
N THR A 8 -0.19 -7.06 32.43
CA THR A 8 -0.82 -8.13 31.65
C THR A 8 -1.46 -7.54 30.38
N ARG A 9 -2.17 -6.42 30.51
CA ARG A 9 -2.78 -5.71 29.35
C ARG A 9 -1.73 -5.37 28.32
N GLU A 10 -0.65 -4.73 28.75
CA GLU A 10 0.48 -4.39 27.84
C GLU A 10 0.98 -5.59 27.04
N ARG A 11 1.19 -6.71 27.71
CA ARG A 11 1.62 -7.95 27.06
C ARG A 11 0.60 -8.46 26.05
N VAL A 12 -0.67 -8.47 26.41
CA VAL A 12 -1.68 -8.96 25.48
C VAL A 12 -1.72 -8.07 24.24
N VAL A 13 -1.80 -6.76 24.45
CA VAL A 13 -1.88 -5.81 23.34
C VAL A 13 -0.69 -5.98 22.41
N ALA A 14 0.50 -6.14 22.97
CA ALA A 14 1.73 -6.32 22.15
C ALA A 14 1.66 -7.61 21.32
N GLN A 15 1.22 -8.69 21.92
CA GLN A 15 1.09 -9.95 21.16
C GLN A 15 -0.05 -9.91 20.13
N ALA A 16 -1.16 -9.28 20.49
CA ALA A 16 -2.30 -9.15 19.55
C ALA A 16 -1.83 -8.37 18.33
N ALA A 17 -1.10 -7.28 18.57
CA ALA A 17 -0.61 -6.43 17.48
C ALA A 17 0.21 -7.21 16.47
N ALA A 18 1.10 -8.06 16.95
CA ALA A 18 1.95 -8.83 16.04
C ALA A 18 1.14 -9.81 15.23
N LEU A 19 0.15 -10.46 15.84
CA LEU A 19 -0.68 -11.37 15.08
C LEU A 19 -1.54 -10.63 14.05
N PHE A 20 -2.15 -9.52 14.45
CA PHE A 20 -3.04 -8.78 13.56
C PHE A 20 -2.23 -8.23 12.37
N ASN A 21 -0.98 -7.89 12.60
CA ASN A 21 -0.16 -7.31 11.55
C ASN A 21 0.12 -8.27 10.37
N VAL A 22 0.10 -9.56 10.70
CA VAL A 22 0.30 -10.61 9.72
C VAL A 22 -0.97 -11.14 9.10
N SER A 23 -1.93 -11.54 9.95
CA SER A 23 -3.12 -12.23 9.50
C SER A 23 -4.35 -11.35 9.43
N GLY A 24 -4.19 -10.10 9.82
CA GLY A 24 -5.27 -9.15 9.82
C GLY A 24 -6.13 -9.27 11.06
N TYR A 25 -7.08 -8.35 11.17
CA TYR A 25 -8.02 -8.32 12.29
C TYR A 25 -9.07 -9.43 12.12
N ALA A 26 -9.72 -9.55 10.98
CA ALA A 26 -10.74 -10.60 10.81
C ALA A 26 -10.11 -12.00 10.79
N GLY A 27 -8.89 -12.09 10.28
CA GLY A 27 -8.20 -13.37 10.15
C GLY A 27 -7.43 -13.87 11.36
N THR A 28 -7.41 -13.09 12.45
CA THR A 28 -6.73 -13.47 13.69
C THR A 28 -7.86 -13.89 14.66
N ALA A 29 -7.92 -15.18 15.01
CA ALA A 29 -8.98 -15.65 15.94
C ALA A 29 -8.50 -15.51 17.37
N ILE A 30 -9.44 -15.41 18.30
CA ILE A 30 -9.06 -15.24 19.70
C ILE A 30 -8.18 -16.43 20.18
N SER A 31 -8.40 -17.63 19.64
CA SER A 31 -7.54 -18.76 19.99
C SER A 31 -6.07 -18.56 19.61
N ASP A 32 -5.79 -17.77 18.57
CA ASP A 32 -4.38 -17.41 18.21
C ASP A 32 -3.81 -16.47 19.27
N ILE A 33 -4.60 -15.46 19.67
CA ILE A 33 -4.17 -14.55 20.72
C ILE A 33 -3.93 -15.33 22.02
N ALA A 35 -2.98 -18.55 22.35
CA ALA A 35 -1.70 -19.27 22.15
C ALA A 35 -0.48 -18.37 22.33
N ALA A 36 -0.51 -17.17 21.75
CA ALA A 36 0.64 -16.26 21.81
C ALA A 36 0.86 -15.61 23.21
N THR A 37 -0.21 -15.48 24.01
CA THR A 37 -0.09 -14.82 25.31
C THR A 37 -0.01 -15.86 26.42
N GLY A 38 -0.36 -17.10 26.09
CA GLY A 38 -0.43 -18.18 27.05
C GLY A 38 -1.61 -17.98 28.00
N LEU A 39 -2.60 -17.21 27.58
CA LEU A 39 -3.74 -16.94 28.45
C LEU A 39 -5.01 -17.60 27.98
N GLU A 40 -5.90 -17.89 28.92
CA GLU A 40 -7.21 -18.43 28.59
CA GLU A 40 -7.21 -18.42 28.60
C GLU A 40 -8.07 -17.26 28.09
N LYS A 41 -9.15 -17.56 27.38
CA LYS A 41 -10.01 -16.53 26.83
C LYS A 41 -10.44 -15.54 27.91
N GLY A 42 -10.85 -16.07 29.07
CA GLY A 42 -11.32 -15.27 30.20
C GLY A 42 -10.26 -14.36 30.80
N GLY A 43 -9.02 -14.76 30.64
CA GLY A 43 -7.87 -13.95 31.09
C GLY A 43 -7.68 -12.73 30.21
N ILE A 44 -7.96 -12.89 28.91
CA ILE A 44 -7.89 -11.78 27.97
C ILE A 44 -9.06 -10.82 28.17
N TYR A 45 -10.27 -11.34 28.28
CA TYR A 45 -11.45 -10.49 28.34
C TYR A 45 -11.78 -9.94 29.75
N ARG A 46 -10.99 -10.34 30.73
CA ARG A 46 -10.96 -9.65 32.00
C ARG A 46 -10.43 -8.22 31.72
N HIS A 47 -9.48 -8.12 30.79
CA HIS A 47 -8.81 -6.83 30.50
C HIS A 47 -9.40 -6.05 29.34
N PHE A 48 -10.12 -6.74 28.44
CA PHE A 48 -10.72 -6.10 27.26
C PHE A 48 -12.15 -6.55 27.20
N GLU A 49 -13.02 -5.64 26.83
CA GLU A 49 -14.40 -5.98 26.79
C GLU A 49 -14.76 -6.82 25.57
N SER A 50 -13.95 -6.74 24.52
CA SER A 50 -14.24 -7.44 23.28
C SER A 50 -12.99 -7.53 22.42
N LYS A 51 -13.07 -8.34 21.39
CA LYS A 51 -12.01 -8.43 20.37
C LYS A 51 -11.81 -7.06 19.69
N GLU A 52 -12.92 -6.33 19.50
CA GLU A 52 -12.87 -5.01 18.87
C GLU A 52 -12.04 -4.02 19.68
N GLN A 53 -12.30 -3.95 20.99
CA GLN A 53 -11.56 -3.04 21.86
C GLN A 53 -10.11 -3.45 21.88
N LEU A 54 -9.85 -4.77 21.92
CA LEU A 54 -8.48 -5.28 21.91
C LEU A 54 -7.78 -4.86 20.62
N ALA A 55 -8.47 -5.02 19.48
CA ALA A 55 -7.91 -4.61 18.20
C ALA A 55 -7.49 -3.13 18.21
N LEU A 56 -8.34 -2.27 18.76
CA LEU A 56 -8.05 -0.84 18.87
C LEU A 56 -6.85 -0.56 19.75
N ALA A 57 -6.77 -1.27 20.87
CA ALA A 57 -5.64 -1.09 21.77
C ALA A 57 -4.35 -1.59 21.10
N ALA A 58 -4.45 -2.72 20.38
CA ALA A 58 -3.35 -3.32 19.61
C ALA A 58 -2.85 -2.37 18.52
N PHE A 59 -3.77 -1.66 17.83
CA PHE A 59 -3.31 -0.66 16.87
C PHE A 59 -2.61 0.52 17.57
N ASP A 60 -3.21 1.06 18.62
CA ASP A 60 -2.61 2.19 19.36
C ASP A 60 -1.19 1.84 19.77
N TYR A 61 -0.95 0.58 20.06
CA TYR A 61 0.35 0.07 20.44
C TYR A 61 1.31 0.04 19.26
N ALA A 62 0.81 -0.46 18.13
CA ALA A 62 1.55 -0.45 16.87
C ALA A 62 1.86 0.99 16.46
N ALA A 63 0.90 1.90 16.60
CA ALA A 63 1.10 3.31 16.27
C ALA A 63 2.21 3.91 17.15
N GLU A 64 2.18 3.65 18.46
CA GLU A 64 3.23 4.16 19.35
C GLU A 64 4.59 3.59 18.99
N LYS A 65 4.64 2.33 18.60
CA LYS A 65 5.93 1.76 18.24
C LYS A 65 6.55 2.42 16.98
N VAL A 66 5.76 2.55 15.95
CA VAL A 66 6.14 3.30 14.74
C VAL A 66 6.64 4.71 15.12
N ARG A 67 5.92 5.39 16.00
CA ARG A 67 6.23 6.74 16.47
C ARG A 67 7.63 6.78 17.11
N GLU A 68 7.93 5.84 18.00
CA GLU A 68 9.26 5.73 18.68
C GLU A 68 10.40 5.58 17.65
N ARG A 69 10.15 4.73 16.67
CA ARG A 69 11.09 4.41 15.60
C ARG A 69 11.39 5.68 14.73
N PHE A 70 10.36 6.45 14.38
CA PHE A 70 10.61 7.74 13.70
C PHE A 70 11.31 8.74 14.60
N ALA A 71 10.91 8.75 15.86
CA ALA A 71 11.51 9.66 16.82
C ALA A 71 13.04 9.51 16.91
N VAL A 72 13.53 8.28 16.97
CA VAL A 72 14.95 7.98 17.10
C VAL A 72 15.62 8.27 15.73
N GLY A 73 14.97 7.82 14.66
CA GLY A 73 15.49 8.06 13.31
C GLY A 73 15.67 9.52 12.94
N LEU A 74 14.81 10.40 13.43
CA LEU A 74 14.82 11.80 13.04
C LEU A 74 15.60 12.70 13.98
N ALA A 75 15.96 12.16 15.14
CA ALA A 75 16.60 12.96 16.16
C ALA A 75 18.04 13.32 15.83
N GLY A 76 18.35 14.59 16.05
CA GLY A 76 19.72 15.07 16.04
C GLY A 76 20.38 15.52 14.76
N HIS A 77 19.63 15.71 13.68
CA HIS A 77 20.21 16.15 12.42
C HIS A 77 20.46 17.68 12.46
N LYS A 78 21.44 18.12 11.69
CA LYS A 78 21.88 19.51 11.74
C LYS A 78 21.28 20.38 10.62
N HIS A 79 20.52 19.75 9.71
CA HIS A 79 19.91 20.41 8.53
C HIS A 79 18.56 19.76 8.29
N THR A 80 17.57 20.59 7.95
CA THR A 80 16.20 20.11 7.82
C THR A 80 16.04 19.12 6.67
N VAL A 81 16.86 19.25 5.64
CA VAL A 81 16.82 18.29 4.56
C VAL A 81 17.35 16.93 5.02
N ASP A 82 18.41 16.95 5.82
CA ASP A 82 18.95 15.71 6.40
C ASP A 82 17.85 15.02 7.20
N THR A 83 17.07 15.79 7.96
CA THR A 83 15.99 15.25 8.74
C THR A 83 14.89 14.65 7.86
N ILE A 84 14.56 15.32 6.78
CA ILE A 84 13.53 14.80 5.88
C ILE A 84 14.01 13.48 5.20
N ILE A 85 15.26 13.45 4.79
CA ILE A 85 15.84 12.24 4.19
C ILE A 85 15.92 11.09 5.25
N ALA A 86 16.11 11.43 6.52
CA ALA A 86 16.15 10.40 7.57
C ALA A 86 14.77 9.79 7.73
N PHE A 87 13.71 10.56 7.45
CA PHE A 87 12.35 10.00 7.41
C PHE A 87 12.23 8.90 6.33
N LEU A 88 12.79 9.14 5.16
CA LEU A 88 12.89 8.13 4.12
C LEU A 88 13.71 6.93 4.62
N ASP A 89 14.82 7.20 5.31
CA ASP A 89 15.70 6.17 5.77
C ASP A 89 15.02 5.22 6.76
N VAL A 90 14.12 5.76 7.60
CA VAL A 90 13.35 4.92 8.51
C VAL A 90 12.58 3.87 7.67
N PHE A 91 11.83 4.32 6.65
CA PHE A 91 11.11 3.39 5.78
C PHE A 91 12.03 2.39 5.08
N ARG A 92 13.16 2.87 4.56
CA ARG A 92 14.12 2.01 3.93
C ARG A 92 14.57 0.88 4.87
N SER A 93 14.75 1.21 6.15
CA SER A 93 15.20 0.22 7.15
C SER A 93 14.20 -0.89 7.42
N TYR A 94 12.94 -0.69 7.00
CA TYR A 94 11.92 -1.75 7.10
C TYR A 94 12.26 -2.99 6.27
N ALA A 95 13.15 -2.87 5.29
CA ALA A 95 13.54 -4.00 4.41
C ALA A 95 13.97 -5.22 5.21
N GLU A 96 14.78 -4.99 6.24
CA GLU A 96 15.26 -6.08 7.09
C GLU A 96 14.64 -6.09 8.50
N ARG A 97 14.02 -4.97 8.90
CA ARG A 97 13.48 -4.79 10.24
C ARG A 97 12.22 -3.89 10.24
N PRO A 98 11.04 -4.49 9.95
CA PRO A 98 9.81 -3.72 10.00
C PRO A 98 9.49 -3.30 11.44
N PRO A 99 8.56 -2.35 11.64
CA PRO A 99 8.26 -1.85 12.98
C PRO A 99 7.82 -2.97 13.90
N LEU A 100 7.05 -3.89 13.35
CA LEU A 100 6.85 -5.17 14.00
C LEU A 100 6.69 -6.29 12.95
N VAL A 101 6.67 -7.53 13.41
CA VAL A 101 6.61 -8.68 12.50
C VAL A 101 5.43 -8.53 11.53
N GLY A 102 5.69 -8.72 10.24
CA GLY A 102 4.64 -8.58 9.23
C GLY A 102 4.56 -7.28 8.47
N GLY A 103 5.49 -6.34 8.70
CA GLY A 103 5.55 -5.13 7.91
C GLY A 103 5.07 -3.86 8.61
N CYS A 104 4.75 -2.84 7.82
CA CYS A 104 4.23 -1.58 8.38
C CYS A 104 2.78 -1.74 8.84
N PRO A 105 2.51 -1.53 10.14
CA PRO A 105 1.11 -1.69 10.59
C PRO A 105 0.16 -0.59 10.15
N ILE A 106 0.72 0.55 9.73
CA ILE A 106 -0.07 1.64 9.21
C ILE A 106 -0.61 1.24 7.82
N LEU A 107 0.30 0.82 6.94
CA LEU A 107 -0.04 0.27 5.64
C LEU A 107 -0.98 -0.93 5.77
N ASN A 108 -0.59 -1.90 6.58
CA ASN A 108 -1.39 -3.11 6.70
C ASN A 108 -2.82 -2.83 7.22
N THR A 109 -2.95 -1.96 8.23
CA THR A 109 -4.25 -1.63 8.81
C THR A 109 -5.04 -0.75 7.85
N ALA A 110 -4.36 0.07 7.02
CA ALA A 110 -5.05 0.89 6.04
C ALA A 110 -5.82 0.01 5.08
N ILE A 111 -5.16 -0.99 4.49
CA ILE A 111 -5.82 -1.82 3.50
C ILE A 111 -7.04 -2.56 4.07
N GLU A 112 -6.92 -3.05 5.31
CA GLU A 112 -8.07 -3.75 5.91
C GLU A 112 -9.20 -2.82 6.32
N SER A 113 -8.85 -1.72 6.98
CA SER A 113 -9.84 -0.83 7.59
C SER A 113 -10.50 0.17 6.65
N ASP A 114 -9.84 0.53 5.55
CA ASP A 114 -10.32 1.64 4.76
C ASP A 114 -11.82 1.51 4.39
N ASP A 115 -12.32 0.31 4.08
CA ASP A 115 -13.71 0.13 3.67
C ASP A 115 -14.47 -0.80 4.63
N THR A 116 -13.91 -1.01 5.82
CA THR A 116 -14.57 -1.88 6.78
C THR A 116 -14.77 -1.29 8.16
N ASN A 117 -13.84 -0.44 8.62
CA ASN A 117 -13.84 -0.06 10.03
C ASN A 117 -13.50 1.41 10.26
N PRO A 118 -14.54 2.24 10.39
CA PRO A 118 -14.36 3.66 10.65
C PRO A 118 -13.35 4.00 11.78
N LEU A 120 -10.76 2.17 13.16
CA LEU A 120 -9.38 1.91 12.74
C LEU A 120 -8.95 2.88 11.64
N ARG A 121 -9.82 3.16 10.68
CA ARG A 121 -9.51 4.10 9.61
C ARG A 121 -9.11 5.46 10.18
N GLU A 122 -9.85 5.92 11.20
CA GLU A 122 -9.58 7.20 11.81
C GLU A 122 -8.24 7.20 12.51
N ARG A 123 -7.91 6.08 13.13
CA ARG A 123 -6.61 5.91 13.80
C ARG A 123 -5.44 5.90 12.79
N VAL A 124 -5.63 5.19 11.67
CA VAL A 124 -4.65 5.17 10.61
C VAL A 124 -4.48 6.59 10.10
N ARG A 125 -5.59 7.28 9.84
CA ARG A 125 -5.53 8.67 9.35
C ARG A 125 -4.78 9.58 10.30
N ALA A 126 -5.01 9.40 11.60
CA ALA A 126 -4.31 10.18 12.61
C ALA A 126 -2.76 9.97 12.52
N VAL A 127 -2.32 8.75 12.28
CA VAL A 127 -0.89 8.50 12.12
C VAL A 127 -0.34 9.17 10.87
N ILE A 128 -1.03 9.03 9.75
CA ILE A 128 -0.63 9.68 8.50
C ILE A 128 -0.60 11.22 8.73
N ASP A 129 -1.57 11.75 9.45
CA ASP A 129 -1.58 13.19 9.75
C ASP A 129 -0.42 13.63 10.65
N GLU A 130 0.07 12.76 11.52
CA GLU A 130 1.24 13.08 12.33
CA GLU A 130 1.26 13.09 12.32
C GLU A 130 2.47 13.20 11.41
N TRP A 131 2.64 12.22 10.50
CA TRP A 131 3.75 12.26 9.52
C TRP A 131 3.70 13.54 8.67
N ARG A 132 2.51 13.87 8.19
CA ARG A 132 2.32 15.08 7.41
C ARG A 132 2.69 16.35 8.21
N GLU A 133 2.23 16.41 9.47
CA GLU A 133 2.59 17.53 10.33
C GLU A 133 4.12 17.61 10.55
N THR A 134 4.76 16.46 10.77
CA THR A 134 6.23 16.38 10.93
C THR A 134 6.98 16.96 9.76
N ILE A 135 6.60 16.52 8.57
CA ILE A 135 7.22 16.97 7.35
CA ILE A 135 7.19 17.00 7.32
C ILE A 135 6.89 18.47 7.11
N ARG A 136 5.65 18.91 7.36
CA ARG A 136 5.32 20.33 7.19
CA ARG A 136 5.30 20.34 7.21
C ARG A 136 6.17 21.21 8.12
N THR A 137 6.35 20.77 9.35
CA THR A 137 7.13 21.54 10.32
C THR A 137 8.56 21.68 9.86
N LEU A 138 9.12 20.59 9.35
CA LEU A 138 10.48 20.62 8.84
C LEU A 138 10.63 21.50 7.61
N VAL A 139 9.65 21.44 6.71
CA VAL A 139 9.72 22.28 5.54
C VAL A 139 9.64 23.75 5.92
N GLN A 140 8.72 24.16 6.78
CA GLN A 140 8.66 25.57 7.18
CA GLN A 140 8.64 25.56 7.20
C GLN A 140 9.93 25.97 7.94
N THR A 141 10.46 25.08 8.77
CA THR A 141 11.73 25.41 9.44
C THR A 141 12.85 25.66 8.42
N GLY A 142 12.95 24.79 7.43
CA GLY A 142 13.97 24.85 6.41
C GLY A 142 13.83 26.09 5.58
N ILE A 143 12.58 26.48 5.29
CA ILE A 143 12.34 27.71 4.53
C ILE A 143 12.82 28.88 5.37
N ALA A 144 12.47 28.92 6.65
CA ALA A 144 12.93 30.00 7.52
C ALA A 144 14.45 30.08 7.57
N ARG A 145 15.13 28.94 7.47
CA ARG A 145 16.60 28.91 7.58
C ARG A 145 17.32 29.11 6.26
N GLY A 146 16.58 29.22 5.15
CA GLY A 146 17.21 29.29 3.84
C GLY A 146 17.77 27.95 3.38
N GLU A 147 17.30 26.88 3.99
CA GLU A 147 17.73 25.51 3.64
C GLU A 147 16.82 24.88 2.60
N ILE A 148 15.59 25.36 2.53
CA ILE A 148 14.57 24.80 1.65
C ILE A 148 13.96 25.93 0.82
N ARG A 149 13.74 25.67 -0.46
CA ARG A 149 13.16 26.69 -1.36
C ARG A 149 11.79 27.12 -0.85
N PRO A 150 11.55 28.44 -0.78
CA PRO A 150 10.24 28.89 -0.28
C PRO A 150 9.01 28.41 -1.06
N GLU A 151 9.23 28.01 -2.32
CA GLU A 151 8.12 27.60 -3.18
C GLU A 151 7.67 26.17 -2.92
N VAL A 152 8.41 25.44 -2.07
CA VAL A 152 8.07 24.06 -1.77
C VAL A 152 6.75 23.94 -1.04
N ASP A 153 5.84 23.16 -1.60
CA ASP A 153 4.55 22.86 -0.96
C ASP A 153 4.77 21.66 -0.02
N ALA A 154 4.73 21.94 1.28
CA ALA A 154 5.06 20.97 2.32
C ALA A 154 4.15 19.76 2.31
N ASP A 155 2.86 19.97 2.28
CA ASP A 155 1.96 18.83 2.31
C ASP A 155 2.02 18.00 1.04
N ARG A 156 2.26 18.63 -0.12
CA ARG A 156 2.45 17.88 -1.39
CA ARG A 156 2.42 17.87 -1.36
C ARG A 156 3.66 16.96 -1.23
N LEU A 157 4.75 17.51 -0.69
CA LEU A 157 5.96 16.71 -0.48
C LEU A 157 5.68 15.55 0.47
N ALA A 158 4.97 15.86 1.56
CA ALA A 158 4.68 14.86 2.59
C ALA A 158 3.89 13.70 2.04
N LEU A 159 2.84 14.02 1.30
CA LEU A 159 2.03 12.97 0.73
C LEU A 159 2.79 12.19 -0.35
N LEU A 160 3.66 12.86 -1.14
CA LEU A 160 4.47 12.11 -2.12
C LEU A 160 5.41 11.12 -1.41
N ILE A 161 6.12 11.61 -0.40
CA ILE A 161 7.02 10.80 0.40
C ILE A 161 6.30 9.61 1.02
N ILE A 162 5.16 9.85 1.68
CA ILE A 162 4.43 8.75 2.33
C ILE A 162 3.93 7.69 1.34
N ALA A 163 3.38 8.16 0.22
CA ALA A 163 2.87 7.28 -0.84
C ALA A 163 4.03 6.44 -1.37
N THR A 164 5.12 7.11 -1.72
CA THR A 164 6.26 6.39 -2.32
C THR A 164 6.84 5.33 -1.41
N GLU A 166 5.58 3.95 1.42
CA GLU A 166 4.66 2.89 1.79
C GLU A 166 4.43 1.93 0.64
N GLY A 167 4.28 2.45 -0.60
CA GLY A 167 4.20 1.58 -1.79
C GLY A 167 5.44 0.69 -1.98
N ALA A 168 6.60 1.25 -1.67
CA ALA A 168 7.83 0.48 -1.73
C ALA A 168 7.90 -0.60 -0.63
N VAL A 169 7.39 -0.30 0.56
CA VAL A 169 7.25 -1.31 1.65
C VAL A 169 6.40 -2.48 1.15
N LEU A 171 5.82 -3.35 -2.05
CA LEU A 171 6.52 -4.00 -3.16
CA LEU A 171 6.54 -4.03 -3.15
C LEU A 171 7.70 -4.87 -2.68
N ALA A 172 8.46 -4.35 -1.71
CA ALA A 172 9.63 -5.05 -1.19
C ALA A 172 9.18 -6.35 -0.54
N ARG A 173 8.05 -6.33 0.16
CA ARG A 173 7.61 -7.54 0.85
C ARG A 173 7.09 -8.56 -0.13
N ILE A 174 6.30 -8.11 -1.11
CA ILE A 174 5.73 -9.04 -2.06
C ILE A 174 6.77 -9.61 -3.07
N LEU A 175 7.74 -8.79 -3.51
CA LEU A 175 8.82 -9.24 -4.37
C LEU A 175 9.97 -9.94 -3.61
N GLU A 176 9.99 -9.84 -2.27
CA GLU A 176 11.00 -10.50 -1.41
C GLU A 176 12.41 -9.99 -1.70
N THR A 177 12.50 -8.67 -1.86
CA THR A 177 13.74 -8.02 -2.17
C THR A 177 13.71 -6.59 -1.67
N ALA A 178 14.85 -6.11 -1.16
CA ALA A 178 14.97 -4.72 -0.68
C ALA A 178 14.95 -3.70 -1.80
N THR A 179 15.10 -4.15 -3.03
CA THR A 179 15.35 -3.26 -4.16
C THR A 179 14.31 -2.13 -4.32
N PRO A 180 13.02 -2.43 -4.19
CA PRO A 180 12.05 -1.33 -4.31
C PRO A 180 12.21 -0.21 -3.25
N LEU A 181 12.57 -0.57 -2.03
CA LEU A 181 12.80 0.41 -0.99
C LEU A 181 14.07 1.21 -1.26
N GLU A 182 15.10 0.55 -1.77
CA GLU A 182 16.37 1.21 -2.08
CA GLU A 182 16.36 1.19 -2.06
C GLU A 182 16.16 2.20 -3.20
N HIS A 183 15.43 1.80 -4.24
CA HIS A 183 15.13 2.69 -5.36
C HIS A 183 14.30 3.90 -4.96
N ALA A 184 13.23 3.66 -4.18
CA ALA A 184 12.35 4.73 -3.70
C ALA A 184 13.15 5.69 -2.86
N TYR A 185 13.92 5.17 -1.90
CA TYR A 185 14.76 6.04 -1.10
C TYR A 185 15.66 6.93 -1.99
N THR A 186 16.41 6.31 -2.89
CA THR A 186 17.37 7.04 -3.74
CA THR A 186 17.38 7.06 -3.70
C THR A 186 16.66 8.07 -4.60
N HIS A 187 15.55 7.68 -5.19
CA HIS A 187 14.80 8.62 -6.00
C HIS A 187 14.40 9.86 -5.21
N LEU A 188 13.78 9.67 -4.07
CA LEU A 188 13.33 10.80 -3.25
C LEU A 188 14.47 11.61 -2.63
N ALA A 189 15.50 10.95 -2.14
CA ALA A 189 16.64 11.66 -1.58
C ALA A 189 17.26 12.55 -2.64
N THR A 190 17.36 12.03 -3.85
CA THR A 190 17.98 12.74 -4.96
C THR A 190 17.07 13.90 -5.36
N TYR A 191 15.77 13.63 -5.48
CA TYR A 191 14.80 14.68 -5.82
C TYR A 191 14.82 15.82 -4.80
N ILE A 192 14.78 15.46 -3.53
CA ILE A 192 14.80 16.45 -2.43
C ILE A 192 16.12 17.23 -2.42
N THR A 193 17.24 16.54 -2.57
CA THR A 193 18.52 17.23 -2.57
C THR A 193 18.68 18.19 -3.78
N GLN A 194 18.15 17.78 -4.92
CA GLN A 194 18.30 18.55 -6.16
CA GLN A 194 18.33 18.55 -6.14
C GLN A 194 17.30 19.67 -6.32
N GLN A 195 16.05 19.44 -5.90
CA GLN A 195 14.97 20.38 -6.15
C GLN A 195 14.29 21.05 -4.96
N VAL A 196 14.45 20.51 -3.76
CA VAL A 196 13.84 21.07 -2.56
C VAL A 196 14.87 21.85 -1.74
N ARG A 197 16.08 21.29 -1.62
CA ARG A 197 17.16 21.91 -0.87
C ARG A 197 17.64 23.17 -1.59
N LEU A 198 17.82 24.22 -0.83
CA LEU A 198 18.29 25.48 -1.39
C LEU A 198 19.75 25.67 -1.08
N ALA A 199 20.10 25.51 0.20
CA ALA A 199 21.49 25.64 0.65
C ALA A 199 21.69 24.81 1.91
N ARG B 3 -24.79 -22.81 -20.38
CA ARG B 3 -24.77 -21.36 -20.30
C ARG B 3 -25.11 -20.91 -18.88
N LYS B 4 -26.16 -21.50 -18.30
CA LYS B 4 -26.55 -21.21 -16.91
C LYS B 4 -25.33 -21.40 -15.99
N GLY B 5 -24.67 -22.54 -16.12
CA GLY B 5 -23.50 -22.86 -15.33
C GLY B 5 -22.38 -21.84 -15.47
N GLN B 6 -22.07 -21.46 -16.70
CA GLN B 6 -20.98 -20.54 -16.94
C GLN B 6 -21.29 -19.16 -16.41
N GLU B 7 -22.55 -18.76 -16.49
CA GLU B 7 -23.00 -17.44 -16.01
C GLU B 7 -23.14 -17.41 -14.51
N THR B 8 -23.59 -18.52 -13.93
CA THR B 8 -23.72 -18.59 -12.48
C THR B 8 -22.34 -18.59 -11.85
N ARG B 9 -21.40 -19.29 -12.47
CA ARG B 9 -19.99 -19.29 -12.02
CA ARG B 9 -20.01 -19.29 -12.02
C ARG B 9 -19.44 -17.87 -12.13
N GLU B 10 -19.77 -17.18 -13.23
CA GLU B 10 -19.32 -15.82 -13.44
C GLU B 10 -19.87 -14.88 -12.38
N ARG B 11 -21.15 -14.97 -12.02
CA ARG B 11 -21.69 -14.07 -10.97
CA ARG B 11 -21.69 -14.07 -10.98
C ARG B 11 -21.11 -14.40 -9.59
N VAL B 12 -20.89 -15.69 -9.32
CA VAL B 12 -20.27 -16.09 -8.04
C VAL B 12 -18.86 -15.52 -7.94
N VAL B 13 -18.01 -15.74 -8.94
CA VAL B 13 -16.66 -15.20 -8.92
CA VAL B 13 -16.64 -15.20 -8.89
C VAL B 13 -16.64 -13.67 -8.85
N ALA B 14 -17.56 -13.04 -9.59
CA ALA B 14 -17.64 -11.58 -9.64
C ALA B 14 -18.03 -10.99 -8.28
N GLN B 15 -19.05 -11.57 -7.65
CA GLN B 15 -19.48 -11.08 -6.35
C GLN B 15 -18.45 -11.41 -5.27
N ALA B 16 -17.88 -12.61 -5.33
CA ALA B 16 -16.80 -13.00 -4.42
C ALA B 16 -15.63 -12.01 -4.48
N ALA B 17 -15.19 -11.67 -5.67
CA ALA B 17 -14.09 -10.75 -5.85
C ALA B 17 -14.41 -9.39 -5.21
N ALA B 18 -15.63 -8.90 -5.39
CA ALA B 18 -16.02 -7.58 -4.80
C ALA B 18 -15.95 -7.63 -3.27
N LEU B 19 -16.44 -8.71 -2.69
CA LEU B 19 -16.48 -8.85 -1.23
C LEU B 19 -15.07 -9.11 -0.66
N PHE B 20 -14.32 -9.98 -1.34
CA PHE B 20 -12.95 -10.26 -0.93
C PHE B 20 -12.12 -8.99 -0.99
N ASN B 21 -12.39 -8.13 -1.99
CA ASN B 21 -11.59 -6.94 -2.20
C ASN B 21 -11.76 -5.94 -1.06
N VAL B 22 -12.91 -6.03 -0.38
CA VAL B 22 -13.23 -5.15 0.74
C VAL B 22 -12.85 -5.78 2.10
N SER B 23 -13.22 -7.04 2.32
CA SER B 23 -12.99 -7.66 3.65
C SER B 23 -11.87 -8.64 3.76
N GLY B 24 -11.23 -8.94 2.66
CA GLY B 24 -10.13 -9.89 2.65
C GLY B 24 -10.64 -11.30 2.51
N TYR B 25 -9.71 -12.21 2.29
CA TYR B 25 -10.06 -13.60 2.04
C TYR B 25 -10.51 -14.22 3.39
N ALA B 26 -9.63 -14.18 4.39
CA ALA B 26 -9.98 -14.66 5.72
C ALA B 26 -11.19 -13.97 6.34
N GLY B 27 -11.38 -12.68 6.08
CA GLY B 27 -12.50 -11.93 6.68
C GLY B 27 -13.81 -11.88 5.94
N THR B 28 -13.85 -12.47 4.74
CA THR B 28 -15.08 -12.58 4.00
C THR B 28 -15.59 -13.97 4.34
N ALA B 29 -16.76 -14.04 4.94
CA ALA B 29 -17.29 -15.32 5.35
C ALA B 29 -17.93 -15.93 4.13
N ILE B 30 -17.69 -17.21 3.92
CA ILE B 30 -18.37 -17.90 2.82
C ILE B 30 -19.90 -17.65 2.88
N SER B 31 -20.46 -17.61 4.09
CA SER B 31 -21.91 -17.37 4.22
C SER B 31 -22.39 -16.04 3.55
N ASP B 32 -21.58 -14.99 3.66
CA ASP B 32 -21.90 -13.70 3.02
C ASP B 32 -21.79 -13.76 1.51
N ILE B 33 -20.83 -14.52 0.98
CA ILE B 33 -20.82 -14.72 -0.48
C ILE B 33 -22.03 -15.60 -0.80
N ALA B 35 -24.79 -15.62 0.75
CA ALA B 35 -25.88 -14.62 0.80
C ALA B 35 -25.92 -13.72 -0.45
N ALA B 36 -24.77 -13.27 -0.93
CA ALA B 36 -24.73 -12.30 -2.06
C ALA B 36 -25.02 -12.94 -3.42
N THR B 37 -25.13 -14.28 -3.44
CA THR B 37 -25.34 -15.04 -4.69
C THR B 37 -26.58 -15.97 -4.63
N GLY B 38 -27.41 -15.84 -3.59
CA GLY B 38 -28.63 -16.66 -3.49
C GLY B 38 -28.35 -18.14 -3.21
N LEU B 39 -27.22 -18.40 -2.56
CA LEU B 39 -26.80 -19.77 -2.30
C LEU B 39 -26.76 -20.03 -0.79
N GLU B 40 -27.52 -19.22 -0.05
CA GLU B 40 -27.61 -19.32 1.40
C GLU B 40 -28.11 -20.68 1.92
N LYS B 41 -28.83 -21.45 1.09
CA LYS B 41 -29.35 -22.75 1.52
C LYS B 41 -28.53 -23.94 0.98
N GLY B 42 -27.41 -23.62 0.31
CA GLY B 42 -26.39 -24.57 -0.16
C GLY B 42 -26.12 -24.42 -1.64
N GLY B 43 -25.04 -25.04 -2.15
CA GLY B 43 -24.79 -25.05 -3.60
C GLY B 43 -23.62 -24.27 -4.20
N ILE B 44 -22.95 -23.44 -3.40
CA ILE B 44 -21.78 -22.70 -3.90
C ILE B 44 -20.65 -23.69 -4.27
N TYR B 45 -20.67 -24.86 -3.63
CA TYR B 45 -19.69 -25.89 -3.90
C TYR B 45 -20.04 -26.76 -5.14
N ARG B 46 -21.15 -26.46 -5.81
CA ARG B 46 -21.40 -27.02 -7.12
C ARG B 46 -20.42 -26.48 -8.14
N HIS B 47 -19.87 -25.28 -7.91
CA HIS B 47 -18.99 -24.62 -8.86
C HIS B 47 -17.53 -24.57 -8.44
N PHE B 48 -17.29 -24.65 -7.12
CA PHE B 48 -15.93 -24.58 -6.53
C PHE B 48 -15.79 -25.65 -5.45
N GLU B 49 -14.62 -26.28 -5.38
CA GLU B 49 -14.41 -27.35 -4.40
C GLU B 49 -14.29 -26.81 -2.98
N SER B 50 -13.84 -25.57 -2.88
CA SER B 50 -13.52 -24.99 -1.59
C SER B 50 -13.51 -23.47 -1.66
N LYS B 51 -13.57 -22.84 -0.49
CA LYS B 51 -13.42 -21.39 -0.40
C LYS B 51 -12.05 -20.95 -0.96
N GLU B 52 -11.00 -21.74 -0.73
CA GLU B 52 -9.69 -21.42 -1.28
C GLU B 52 -9.66 -21.43 -2.81
N GLN B 53 -10.34 -22.36 -3.44
CA GLN B 53 -10.39 -22.37 -4.91
C GLN B 53 -11.16 -21.15 -5.43
N LEU B 54 -12.24 -20.80 -4.73
CA LEU B 54 -13.03 -19.64 -5.08
C LEU B 54 -12.19 -18.36 -4.94
N ALA B 55 -11.34 -18.32 -3.90
CA ALA B 55 -10.49 -17.14 -3.67
C ALA B 55 -9.53 -16.92 -4.85
N LEU B 56 -8.93 -18.01 -5.30
CA LEU B 56 -8.03 -17.98 -6.45
C LEU B 56 -8.76 -17.56 -7.72
N ALA B 57 -9.93 -18.13 -7.98
CA ALA B 57 -10.74 -17.74 -9.14
C ALA B 57 -11.14 -16.27 -9.03
N ALA B 58 -11.48 -15.81 -7.84
CA ALA B 58 -11.89 -14.44 -7.64
C ALA B 58 -10.73 -13.47 -7.85
N PHE B 59 -9.54 -13.84 -7.40
CA PHE B 59 -8.41 -13.01 -7.62
C PHE B 59 -8.18 -12.94 -9.12
N ASP B 60 -8.31 -14.08 -9.82
CA ASP B 60 -8.05 -14.07 -11.29
C ASP B 60 -9.01 -13.16 -12.04
N TYR B 61 -10.25 -13.16 -11.57
CA TYR B 61 -11.28 -12.24 -12.07
C TYR B 61 -10.86 -10.79 -11.85
N ALA B 62 -10.43 -10.50 -10.63
CA ALA B 62 -10.00 -9.14 -10.26
C ALA B 62 -8.82 -8.70 -11.11
N ALA B 63 -7.86 -9.61 -11.30
CA ALA B 63 -6.67 -9.34 -12.15
C ALA B 63 -7.04 -9.09 -13.62
N GLU B 64 -8.03 -9.80 -14.12
CA GLU B 64 -8.55 -9.53 -15.46
C GLU B 64 -9.14 -8.12 -15.56
N LYS B 65 -9.89 -7.67 -14.56
CA LYS B 65 -10.42 -6.32 -14.59
C LYS B 65 -9.31 -5.28 -14.64
N VAL B 66 -8.26 -5.51 -13.85
CA VAL B 66 -7.12 -4.64 -13.82
C VAL B 66 -6.47 -4.62 -15.19
N ARG B 67 -6.29 -5.79 -15.77
CA ARG B 67 -5.62 -5.91 -17.06
C ARG B 67 -6.39 -5.16 -18.14
N GLU B 68 -7.71 -5.25 -18.13
CA GLU B 68 -8.60 -4.53 -19.07
C GLU B 68 -8.47 -3.01 -18.89
N ARG B 69 -8.36 -2.55 -17.65
CA ARG B 69 -8.23 -1.14 -17.35
C ARG B 69 -6.92 -0.57 -17.93
N PHE B 70 -5.86 -1.36 -17.85
CA PHE B 70 -4.58 -0.93 -18.41
C PHE B 70 -4.57 -1.05 -19.93
N ALA B 71 -5.15 -2.11 -20.47
CA ALA B 71 -5.20 -2.26 -21.93
C ALA B 71 -5.95 -1.07 -22.61
N VAL B 72 -7.09 -0.68 -22.05
CA VAL B 72 -7.86 0.47 -22.53
C VAL B 72 -7.12 1.78 -22.33
N GLY B 73 -6.54 1.98 -21.15
CA GLY B 73 -5.80 3.19 -20.81
C GLY B 73 -4.58 3.44 -21.67
N LEU B 74 -3.90 2.39 -22.10
CA LEU B 74 -2.64 2.56 -22.85
C LEU B 74 -2.84 2.60 -24.37
N ALA B 75 -4.02 2.21 -24.84
CA ALA B 75 -4.32 2.11 -26.25
C ALA B 75 -4.34 3.50 -26.89
N GLY B 76 -3.84 3.55 -28.11
CA GLY B 76 -3.95 4.75 -28.95
C GLY B 76 -2.84 5.78 -28.90
N HIS B 77 -2.00 5.73 -27.88
CA HIS B 77 -0.90 6.69 -27.74
C HIS B 77 0.17 6.22 -28.68
N LYS B 78 0.93 7.15 -29.23
CA LYS B 78 1.95 6.77 -30.18
C LYS B 78 3.32 6.83 -29.51
N HIS B 79 3.58 7.93 -28.78
CA HIS B 79 4.88 8.20 -28.17
C HIS B 79 4.98 7.37 -26.92
N THR B 80 6.11 6.71 -26.75
CA THR B 80 6.32 5.82 -25.59
C THR B 80 6.20 6.48 -24.23
N VAL B 81 6.62 7.75 -24.13
CA VAL B 81 6.50 8.50 -22.88
C VAL B 81 5.05 8.80 -22.59
N ASP B 82 4.29 9.18 -23.62
CA ASP B 82 2.85 9.39 -23.44
C ASP B 82 2.16 8.09 -22.94
N THR B 83 2.60 6.95 -23.43
CA THR B 83 2.04 5.68 -23.01
C THR B 83 2.38 5.38 -21.54
N ILE B 84 3.62 5.69 -21.13
CA ILE B 84 4.03 5.48 -19.75
C ILE B 84 3.21 6.40 -18.82
N ILE B 85 2.99 7.64 -19.26
CA ILE B 85 2.18 8.57 -18.48
C ILE B 85 0.74 8.09 -18.41
N ALA B 86 0.26 7.44 -19.49
CA ALA B 86 -1.09 6.86 -19.51
C ALA B 86 -1.24 5.75 -18.46
N PHE B 87 -0.17 4.98 -18.25
CA PHE B 87 -0.09 3.99 -17.19
C PHE B 87 -0.26 4.64 -15.82
N LEU B 88 0.41 5.78 -15.58
CA LEU B 88 0.19 6.52 -14.34
C LEU B 88 -1.27 6.95 -14.21
N ASP B 89 -1.84 7.44 -15.31
CA ASP B 89 -3.20 7.94 -15.29
C ASP B 89 -4.22 6.87 -14.93
N VAL B 90 -3.95 5.60 -15.26
CA VAL B 90 -4.86 4.52 -14.89
C VAL B 90 -4.96 4.46 -13.36
N PHE B 91 -3.82 4.45 -12.70
CA PHE B 91 -3.83 4.44 -11.24
C PHE B 91 -4.49 5.71 -10.70
N ARG B 92 -4.16 6.86 -11.28
CA ARG B 92 -4.74 8.13 -10.86
CA ARG B 92 -4.74 8.11 -10.82
C ARG B 92 -6.27 7.99 -10.80
N SER B 93 -6.84 7.39 -11.85
CA SER B 93 -8.28 7.29 -11.95
C SER B 93 -8.91 6.37 -10.90
N TYR B 94 -8.10 5.62 -10.16
CA TYR B 94 -8.64 4.78 -9.08
C TYR B 94 -9.26 5.53 -7.92
N ALA B 95 -8.95 6.80 -7.75
CA ALA B 95 -9.45 7.52 -6.57
C ALA B 95 -10.96 7.36 -6.43
N GLU B 96 -11.69 7.58 -7.52
CA GLU B 96 -13.13 7.43 -7.52
C GLU B 96 -13.60 6.26 -8.36
N ARG B 97 -12.69 5.62 -9.11
CA ARG B 97 -13.07 4.56 -9.99
C ARG B 97 -12.05 3.37 -9.93
N PRO B 98 -12.00 2.70 -8.79
CA PRO B 98 -11.09 1.59 -8.66
C PRO B 98 -11.48 0.45 -9.60
N PRO B 99 -10.57 -0.49 -9.81
CA PRO B 99 -10.88 -1.60 -10.75
C PRO B 99 -12.10 -2.39 -10.35
N LEU B 100 -12.30 -2.53 -9.05
CA LEU B 100 -13.54 -3.01 -8.50
C LEU B 100 -13.74 -2.37 -7.14
N VAL B 101 -14.94 -2.50 -6.60
CA VAL B 101 -15.21 -1.91 -5.29
CA VAL B 101 -15.23 -1.93 -5.29
C VAL B 101 -14.17 -2.37 -4.25
N GLY B 102 -13.69 -1.41 -3.47
CA GLY B 102 -12.72 -1.64 -2.40
C GLY B 102 -11.28 -1.29 -2.78
N GLY B 103 -11.06 -0.82 -4.01
CA GLY B 103 -9.71 -0.39 -4.43
C GLY B 103 -8.95 -1.33 -5.32
N CYS B 104 -7.62 -1.19 -5.36
CA CYS B 104 -6.78 -2.06 -6.19
C CYS B 104 -6.62 -3.45 -5.56
N PRO B 105 -7.07 -4.50 -6.26
CA PRO B 105 -6.94 -5.85 -5.73
C PRO B 105 -5.51 -6.37 -5.69
N ILE B 106 -4.61 -5.77 -6.46
CA ILE B 106 -3.21 -6.18 -6.40
C ILE B 106 -2.59 -5.70 -5.08
N LEU B 107 -2.77 -4.43 -4.77
CA LEU B 107 -2.35 -3.85 -3.48
C LEU B 107 -3.05 -4.56 -2.34
N ASN B 108 -4.36 -4.75 -2.44
CA ASN B 108 -5.11 -5.33 -1.31
C ASN B 108 -4.66 -6.76 -1.01
N THR B 109 -4.48 -7.55 -2.06
CA THR B 109 -4.11 -8.94 -1.89
C THR B 109 -2.66 -9.06 -1.45
N ALA B 110 -1.82 -8.15 -1.91
CA ALA B 110 -0.42 -8.09 -1.51
C ALA B 110 -0.27 -8.03 0.00
N ILE B 111 -1.03 -7.15 0.64
CA ILE B 111 -0.95 -6.95 2.08
C ILE B 111 -1.37 -8.19 2.84
N GLU B 112 -2.47 -8.83 2.38
CA GLU B 112 -2.94 -10.03 3.03
C GLU B 112 -2.05 -11.23 2.83
N SER B 113 -1.71 -11.51 1.58
CA SER B 113 -0.97 -12.71 1.22
C SER B 113 0.51 -12.74 1.51
N ASP B 114 1.16 -11.59 1.61
CA ASP B 114 2.64 -11.57 1.71
C ASP B 114 3.20 -12.44 2.80
N ASP B 115 2.50 -12.51 3.94
CA ASP B 115 2.92 -13.32 5.06
C ASP B 115 1.97 -14.47 5.41
N THR B 116 1.03 -14.76 4.53
CA THR B 116 0.05 -15.79 4.81
C THR B 116 -0.20 -16.83 3.71
N ASN B 117 0.01 -16.52 2.43
CA ASN B 117 -0.50 -17.40 1.37
C ASN B 117 0.37 -17.43 0.13
N PRO B 118 1.15 -18.50 -0.04
CA PRO B 118 2.03 -18.60 -1.21
C PRO B 118 1.36 -18.49 -2.57
N LEU B 120 -1.52 -17.00 -3.51
CA LEU B 120 -1.98 -15.63 -3.77
C LEU B 120 -0.77 -14.70 -3.95
N ARG B 121 0.28 -14.87 -3.14
CA ARG B 121 1.54 -14.14 -3.34
C ARG B 121 2.03 -14.26 -4.77
N GLU B 122 2.04 -15.47 -5.29
CA GLU B 122 2.57 -15.70 -6.63
C GLU B 122 1.72 -15.09 -7.70
N ARG B 123 0.41 -15.11 -7.49
CA ARG B 123 -0.53 -14.47 -8.44
C ARG B 123 -0.36 -12.94 -8.40
N VAL B 124 -0.18 -12.37 -7.23
CA VAL B 124 0.08 -10.93 -7.11
C VAL B 124 1.40 -10.58 -7.81
N ARG B 125 2.43 -11.36 -7.53
CA ARG B 125 3.73 -11.13 -8.16
C ARG B 125 3.68 -11.20 -9.67
N ALA B 126 2.88 -12.12 -10.19
CA ALA B 126 2.73 -12.29 -11.65
C ALA B 126 2.15 -11.03 -12.30
N VAL B 127 1.16 -10.42 -11.64
CA VAL B 127 0.58 -9.17 -12.14
C VAL B 127 1.59 -8.04 -12.09
N ILE B 128 2.28 -7.92 -10.96
CA ILE B 128 3.32 -6.90 -10.81
C ILE B 128 4.37 -7.08 -11.93
N ASP B 129 4.75 -8.32 -12.18
CA ASP B 129 5.70 -8.64 -13.26
C ASP B 129 5.17 -8.31 -14.70
N GLU B 130 3.86 -8.45 -14.94
CA GLU B 130 3.24 -7.98 -16.18
C GLU B 130 3.49 -6.47 -16.33
N TRP B 131 3.28 -5.72 -15.24
CA TRP B 131 3.45 -4.28 -15.25
C TRP B 131 4.90 -3.94 -15.51
N ARG B 132 5.83 -4.64 -14.83
CA ARG B 132 7.24 -4.37 -15.07
C ARG B 132 7.62 -4.66 -16.51
N GLU B 133 7.07 -5.73 -17.06
CA GLU B 133 7.37 -6.08 -18.43
C GLU B 133 6.84 -5.02 -19.38
N THR B 134 5.64 -4.51 -19.11
CA THR B 134 5.05 -3.46 -19.95
C THR B 134 5.94 -2.20 -20.01
N ILE B 135 6.38 -1.76 -18.83
CA ILE B 135 7.21 -0.57 -18.72
CA ILE B 135 7.22 -0.56 -18.73
C ILE B 135 8.58 -0.82 -19.37
N ARG B 136 9.17 -1.98 -19.09
CA ARG B 136 10.44 -2.36 -19.70
C ARG B 136 10.35 -2.26 -21.21
N THR B 137 9.30 -2.85 -21.78
CA THR B 137 9.14 -2.84 -23.22
CA THR B 137 9.17 -2.84 -23.23
C THR B 137 8.97 -1.43 -23.77
N LEU B 138 8.24 -0.56 -23.03
CA LEU B 138 8.06 0.81 -23.50
C LEU B 138 9.36 1.58 -23.45
N VAL B 139 10.12 1.39 -22.37
CA VAL B 139 11.39 2.06 -22.26
C VAL B 139 12.34 1.60 -23.39
N GLN B 140 12.41 0.31 -23.66
CA GLN B 140 13.30 -0.26 -24.71
CA GLN B 140 13.35 -0.18 -24.69
C GLN B 140 12.96 0.29 -26.09
N THR B 141 11.66 0.27 -26.40
CA THR B 141 11.20 0.81 -27.69
C THR B 141 11.46 2.31 -27.76
N GLY B 142 11.22 3.03 -26.67
CA GLY B 142 11.47 4.47 -26.66
C GLY B 142 12.93 4.79 -26.88
N ILE B 143 13.79 4.03 -26.21
CA ILE B 143 15.23 4.21 -26.38
C ILE B 143 15.58 4.01 -27.85
N ALA B 144 15.11 2.90 -28.42
CA ALA B 144 15.36 2.61 -29.83
C ALA B 144 14.87 3.71 -30.80
N ARG B 145 13.75 4.36 -30.48
CA ARG B 145 13.21 5.42 -31.33
C ARG B 145 13.73 6.85 -31.03
N GLY B 146 14.65 6.98 -30.08
CA GLY B 146 15.13 8.30 -29.68
C GLY B 146 14.14 9.12 -28.84
N GLU B 147 13.13 8.47 -28.27
CA GLU B 147 12.09 9.09 -27.44
C GLU B 147 12.42 9.08 -25.97
N ILE B 148 13.29 8.17 -25.57
CA ILE B 148 13.70 8.02 -24.19
C ILE B 148 15.23 7.97 -24.10
N ARG B 149 15.76 8.55 -23.05
CA ARG B 149 17.19 8.62 -22.83
C ARG B 149 17.79 7.22 -22.66
N PRO B 150 18.93 6.93 -23.33
CA PRO B 150 19.52 5.58 -23.30
C PRO B 150 20.02 5.08 -21.95
N GLU B 151 20.32 6.01 -21.06
CA GLU B 151 20.79 5.63 -19.75
C GLU B 151 19.63 5.20 -18.82
N VAL B 152 18.36 5.34 -19.23
CA VAL B 152 17.24 5.01 -18.32
C VAL B 152 17.19 3.53 -17.92
N ASP B 153 17.20 3.27 -16.60
CA ASP B 153 17.08 1.91 -16.03
C ASP B 153 15.59 1.59 -16.01
N ALA B 154 15.17 0.75 -16.96
CA ALA B 154 13.76 0.43 -17.17
C ALA B 154 13.09 -0.21 -15.95
N ASP B 155 13.73 -1.18 -15.33
CA ASP B 155 13.06 -1.86 -14.22
C ASP B 155 13.03 -0.97 -12.99
N ARG B 156 14.06 -0.17 -12.78
CA ARG B 156 14.08 0.75 -11.66
C ARG B 156 12.91 1.73 -11.81
N LEU B 157 12.70 2.24 -13.03
CA LEU B 157 11.58 3.11 -13.32
C LEU B 157 10.24 2.43 -13.06
N ALA B 158 10.07 1.20 -13.55
CA ALA B 158 8.87 0.41 -13.30
C ALA B 158 8.58 0.28 -11.80
N LEU B 159 9.60 -0.07 -11.02
CA LEU B 159 9.43 -0.29 -9.55
C LEU B 159 9.06 1.03 -8.86
N LEU B 160 9.69 2.12 -9.28
CA LEU B 160 9.32 3.46 -8.74
C LEU B 160 7.85 3.83 -9.04
N ILE B 161 7.44 3.66 -10.30
CA ILE B 161 6.04 3.96 -10.70
C ILE B 161 5.03 3.13 -9.87
N ILE B 162 5.30 1.82 -9.79
CA ILE B 162 4.39 0.92 -9.10
C ILE B 162 4.32 1.30 -7.62
N ALA B 163 5.47 1.52 -6.96
CA ALA B 163 5.48 1.85 -5.54
C ALA B 163 4.73 3.15 -5.26
N THR B 164 5.06 4.17 -6.03
CA THR B 164 4.45 5.49 -5.85
C THR B 164 2.96 5.48 -6.08
N GLU B 166 0.80 2.90 -6.17
CA GLU B 166 0.07 2.07 -5.22
C GLU B 166 0.04 2.64 -3.84
N GLY B 167 1.14 3.24 -3.38
CA GLY B 167 1.11 3.90 -2.09
C GLY B 167 0.08 5.05 -2.06
N ALA B 168 -0.03 5.77 -3.17
CA ALA B 168 -1.01 6.84 -3.31
C ALA B 168 -2.43 6.31 -3.32
N VAL B 169 -2.64 5.16 -3.95
CA VAL B 169 -3.97 4.49 -3.90
C VAL B 169 -4.31 4.17 -2.45
N LEU B 171 -3.21 5.77 0.23
CA LEU B 171 -3.48 7.02 0.91
C LEU B 171 -4.84 7.64 0.56
N ALA B 172 -5.21 7.53 -0.71
CA ALA B 172 -6.45 8.15 -1.20
C ALA B 172 -7.69 7.54 -0.57
N ARG B 173 -7.66 6.24 -0.26
CA ARG B 173 -8.83 5.60 0.40
C ARG B 173 -8.85 5.84 1.91
N ILE B 174 -7.69 6.08 2.50
CA ILE B 174 -7.66 6.40 3.93
C ILE B 174 -8.03 7.81 4.19
N LEU B 175 -7.51 8.72 3.38
CA LEU B 175 -7.72 10.14 3.55
C LEU B 175 -9.05 10.57 2.92
N GLU B 176 -9.64 9.66 2.14
CA GLU B 176 -10.92 9.86 1.44
C GLU B 176 -10.90 11.13 0.59
N THR B 177 -9.81 11.26 -0.16
CA THR B 177 -9.64 12.34 -1.08
C THR B 177 -8.74 11.82 -2.23
N ALA B 178 -8.87 12.42 -3.40
CA ALA B 178 -8.08 12.06 -4.56
C ALA B 178 -6.68 12.68 -4.56
N THR B 179 -6.44 13.65 -3.67
CA THR B 179 -5.23 14.44 -3.72
C THR B 179 -3.90 13.65 -3.71
N PRO B 180 -3.77 12.59 -2.91
CA PRO B 180 -2.48 11.86 -2.99
C PRO B 180 -2.19 11.29 -4.37
N LEU B 181 -3.24 10.83 -5.04
CA LEU B 181 -3.09 10.26 -6.40
C LEU B 181 -2.77 11.34 -7.43
N GLU B 182 -3.40 12.51 -7.28
CA GLU B 182 -3.10 13.65 -8.12
CA GLU B 182 -3.11 13.64 -8.13
C GLU B 182 -1.66 14.08 -7.97
N HIS B 183 -1.17 14.15 -6.73
CA HIS B 183 0.20 14.55 -6.50
C HIS B 183 1.22 13.55 -7.00
N ALA B 184 0.95 12.27 -6.77
CA ALA B 184 1.85 11.20 -7.18
C ALA B 184 1.94 11.19 -8.72
N TYR B 185 0.79 11.30 -9.37
CA TYR B 185 0.72 11.43 -10.83
C TYR B 185 1.55 12.61 -11.35
N THR B 186 1.33 13.79 -10.78
CA THR B 186 2.02 14.99 -11.26
C THR B 186 3.51 14.88 -11.06
N HIS B 187 3.89 14.37 -9.90
CA HIS B 187 5.32 14.17 -9.63
C HIS B 187 6.00 13.28 -10.67
N LEU B 188 5.44 12.10 -10.88
CA LEU B 188 6.04 11.12 -11.80
C LEU B 188 5.94 11.55 -13.26
N ALA B 189 4.83 12.18 -13.66
CA ALA B 189 4.72 12.69 -15.02
C ALA B 189 5.80 13.75 -15.28
N THR B 190 6.02 14.63 -14.31
CA THR B 190 7.01 15.68 -14.43
C THR B 190 8.38 15.09 -14.43
N TYR B 191 8.63 14.15 -13.53
CA TYR B 191 9.93 13.47 -13.45
C TYR B 191 10.28 12.79 -14.79
N ILE B 192 9.33 12.04 -15.30
CA ILE B 192 9.50 11.34 -16.57
C ILE B 192 9.76 12.28 -17.73
N THR B 193 8.98 13.34 -17.81
CA THR B 193 9.14 14.31 -18.89
C THR B 193 10.49 14.99 -18.77
N GLN B 194 10.91 15.29 -17.54
CA GLN B 194 12.14 16.00 -17.35
C GLN B 194 13.39 15.17 -17.36
N GLN B 195 13.32 13.92 -16.93
CA GLN B 195 14.53 13.10 -16.74
C GLN B 195 14.58 11.83 -17.58
N VAL B 196 13.45 11.43 -18.15
CA VAL B 196 13.38 10.13 -18.91
C VAL B 196 13.20 10.39 -20.40
N ARG B 197 12.31 11.31 -20.72
CA ARG B 197 12.02 11.65 -22.08
C ARG B 197 13.24 12.25 -22.79
N LEU B 198 13.40 11.96 -24.07
CA LEU B 198 14.46 12.51 -24.88
C LEU B 198 13.80 13.43 -25.92
N ALA B 199 13.34 12.91 -27.04
CA ALA B 199 12.62 13.76 -28.01
C ALA B 199 11.15 13.45 -27.76
#